data_9FO1
#
_entry.id   9FO1
#
_cell.length_a   206.314
_cell.length_b   206.314
_cell.length_c   206.314
_cell.angle_alpha   90.00
_cell.angle_beta   90.00
_cell.angle_gamma   90.00
#
_symmetry.space_group_name_H-M   'I 21 3'
#
loop_
_entity.id
_entity.type
_entity.pdbx_description
1 polymer 'k-carrageenan sulfatase S1_16'
2 non-polymer 'CALCIUM ION'
3 non-polymer GLYCEROL
4 water water
#
_entity_poly.entity_id   1
_entity_poly.type   'polypeptide(L)'
_entity_poly.pdbx_seq_one_letter_code
;MGAQRPPDKLNFIIILIDDYGWTDSTCYGSTFYETPNIDRLAREGMRFTNAYAACPVCSPTRASILTGKYPAHLHLTDWI
PGRKQWPTSKLLGAPFYQELPLWETTIAERLKPLGYTTAAMGKWHLGHEPYYPERQGFDINVAGTFRGHPESYFGPFDLP
NFRGWTKNDYLTDRLTDKALQFLEENRQRPFFLYLAHFAVHTPLQAKAEMIAKYERKARGRKLQKNPTYAAMIESMDQGV
GRVMSKLEDLKIADHTVIIFTSDNGGLMYEGSRREPVTSNRPLRAGKGHLYEGGVRVPLIIRWPGVVKPGTTCDVPACSV
DFFPTIEEMAGLRHDPKLALDGVSLTPLLRRKGGFKPRALYWHYPHYSNQGGVPGGAIREGNLKLIEFYEDSHVELYDLS
EDIGERHNLAKEMPDKAAELQAKLKAWRASVRATMPTVNPNYDPARADQGLTGADPAHQLEHHHHHH
;
_entity_poly.pdbx_strand_id   A
#
# COMPACT_ATOMS: atom_id res chain seq x y z
N PRO A 6 -21.69 16.66 25.19
CA PRO A 6 -21.53 15.25 24.75
C PRO A 6 -20.05 14.94 24.54
N PRO A 7 -19.62 13.84 23.85
CA PRO A 7 -18.19 13.61 23.59
C PRO A 7 -17.68 14.27 22.31
N ASP A 8 -16.86 13.55 21.53
CA ASP A 8 -16.26 14.15 20.32
C ASP A 8 -16.01 13.04 19.28
N LYS A 9 -17.00 12.75 18.46
CA LYS A 9 -16.87 11.74 17.37
C LYS A 9 -15.55 11.93 16.61
N LEU A 10 -14.85 10.83 16.40
CA LEU A 10 -13.50 10.79 15.78
C LEU A 10 -13.59 11.01 14.29
N ASN A 11 -12.72 11.85 13.76
CA ASN A 11 -12.52 11.97 12.29
C ASN A 11 -11.46 10.95 11.93
N PHE A 12 -11.33 10.65 10.64
CA PHE A 12 -10.40 9.62 10.12
C PHE A 12 -9.84 10.10 8.79
N ILE A 13 -8.53 10.15 8.71
CA ILE A 13 -7.83 10.39 7.43
C ILE A 13 -6.92 9.20 7.18
N ILE A 14 -7.05 8.58 6.03
CA ILE A 14 -6.06 7.60 5.52
C ILE A 14 -5.24 8.30 4.43
N ILE A 15 -3.97 8.49 4.70
CA ILE A 15 -3.04 9.05 3.69
C ILE A 15 -2.31 7.86 3.07
N LEU A 16 -2.53 7.65 1.79
CA LEU A 16 -2.02 6.46 1.11
C LEU A 16 -1.13 6.91 -0.04
N ILE A 17 0.17 6.81 0.22
CA ILE A 17 1.19 7.11 -0.81
C ILE A 17 1.35 5.90 -1.72
N ASP A 18 1.54 6.16 -3.01
CA ASP A 18 1.61 5.10 -4.05
C ASP A 18 3.05 4.63 -4.22
N ASP A 19 3.30 3.32 -4.18
CA ASP A 19 4.66 2.77 -4.43
C ASP A 19 5.67 3.49 -3.53
N TYR A 20 5.35 3.61 -2.24
CA TYR A 20 6.23 4.27 -1.25
C TYR A 20 6.89 3.21 -0.38
N GLY A 21 8.21 3.08 -0.52
CA GLY A 21 8.99 1.95 0.03
C GLY A 21 9.24 2.01 1.53
N TRP A 22 9.61 0.87 2.09
CA TRP A 22 9.79 0.79 3.57
C TRP A 22 10.82 1.78 4.07
N THR A 23 11.75 2.19 3.20
CA THR A 23 12.96 2.96 3.54
C THR A 23 12.97 4.24 2.73
N ASP A 24 11.82 4.75 2.34
CA ASP A 24 11.74 5.93 1.44
C ASP A 24 11.37 7.15 2.28
N SER A 25 11.45 7.05 3.60
CA SER A 25 11.26 8.19 4.53
C SER A 25 12.48 8.27 5.42
N THR A 26 12.77 9.44 5.96
CA THR A 26 13.97 9.66 6.79
C THR A 26 13.84 8.85 8.10
N CYS A 27 12.67 8.81 8.74
CA CYS A 27 12.49 8.13 10.06
C CYS A 27 12.44 6.60 9.86
N TYR A 28 12.65 6.13 8.64
CA TYR A 28 12.71 4.68 8.32
C TYR A 28 14.08 4.30 7.80
N GLY A 29 15.04 5.22 7.84
CA GLY A 29 16.45 4.91 7.56
C GLY A 29 17.05 5.76 6.44
N SER A 30 16.26 6.31 5.53
CA SER A 30 16.81 7.00 4.34
C SER A 30 17.71 8.13 4.79
N THR A 31 18.74 8.41 4.02
CA THR A 31 19.61 9.60 4.22
C THR A 31 19.48 10.53 3.04
N PHE A 32 18.90 10.07 1.92
CA PHE A 32 18.72 10.85 0.67
C PHE A 32 17.44 11.67 0.81
N TYR A 33 16.31 10.97 0.84
CA TYR A 33 14.95 11.55 0.82
C TYR A 33 14.80 12.39 2.08
N GLU A 34 14.05 13.48 2.00
CA GLU A 34 13.87 14.41 3.14
C GLU A 34 12.39 14.56 3.46
N THR A 35 11.96 13.98 4.60
CA THR A 35 10.52 13.82 4.95
C THR A 35 10.23 14.35 6.35
N PRO A 36 10.43 15.66 6.59
CA PRO A 36 10.40 16.21 7.94
C PRO A 36 9.00 16.14 8.57
N ASN A 37 7.96 16.30 7.74
CA ASN A 37 6.56 16.30 8.23
C ASN A 37 6.14 14.89 8.64
N ILE A 38 6.40 13.92 7.77
CA ILE A 38 6.14 12.49 8.06
C ILE A 38 6.88 12.14 9.34
N ASP A 39 8.09 12.68 9.52
CA ASP A 39 8.85 12.46 10.78
C ASP A 39 8.07 13.04 11.95
N ARG A 40 7.56 14.29 11.82
CA ARG A 40 6.82 14.92 12.95
C ARG A 40 5.66 14.00 13.30
N LEU A 41 5.01 13.44 12.27
CA LEU A 41 3.85 12.54 12.49
C LEU A 41 4.29 11.32 13.30
N ALA A 42 5.47 10.78 12.98
CA ALA A 42 6.03 9.61 13.67
C ALA A 42 6.24 10.00 15.14
N ARG A 43 6.77 11.21 15.37
CA ARG A 43 7.14 11.70 16.74
C ARG A 43 5.86 11.90 17.53
N GLU A 44 4.75 12.23 16.84
CA GLU A 44 3.41 12.49 17.41
C GLU A 44 2.60 11.18 17.53
N GLY A 45 3.15 10.03 17.14
CA GLY A 45 2.31 8.83 17.05
C GLY A 45 3.09 7.54 17.20
N MET A 46 2.57 6.45 16.60
CA MET A 46 3.18 5.09 16.65
C MET A 46 3.66 4.70 15.25
N ARG A 47 4.93 4.36 15.10
CA ARG A 47 5.52 3.92 13.81
C ARG A 47 5.62 2.39 13.83
N PHE A 48 5.19 1.72 12.77
CA PHE A 48 5.13 0.25 12.71
C PHE A 48 6.28 -0.25 11.81
N THR A 49 7.09 -1.10 12.41
CA THR A 49 8.33 -1.60 11.79
C THR A 49 7.96 -2.79 10.90
N ASN A 50 6.88 -3.50 11.26
CA ASN A 50 6.47 -4.71 10.53
C ASN A 50 5.08 -4.51 9.91
N ALA A 51 4.89 -3.42 9.19
CA ALA A 51 3.61 -3.17 8.51
C ALA A 51 3.70 -3.71 7.10
N TYR A 52 2.63 -4.35 6.66
CA TYR A 52 2.54 -4.94 5.31
C TYR A 52 1.34 -4.43 4.51
N ALA A 53 1.53 -4.41 3.19
CA ALA A 53 0.47 -4.31 2.17
C ALA A 53 0.07 -5.72 1.78
N ALA A 54 -1.22 -5.94 1.53
CA ALA A 54 -1.80 -7.29 1.38
C ALA A 54 -1.48 -7.88 0.00
N CYS A 55 -0.82 -7.09 -0.83
CA CYS A 55 -0.44 -7.41 -2.23
C CYS A 55 0.70 -6.50 -2.62
N PRO A 56 1.67 -7.01 -3.42
CA PRO A 56 2.80 -6.20 -3.87
C PRO A 56 2.56 -5.30 -5.09
N VAL A 57 1.33 -5.17 -5.56
CA VAL A 57 0.97 -4.16 -6.60
C VAL A 57 -0.32 -3.45 -6.18
N CYS A 58 -0.63 -2.34 -6.89
CA CYS A 58 -1.52 -1.24 -6.49
C CYS A 58 -2.97 -1.71 -6.18
N SER A 59 -3.77 -2.10 -7.16
CA SER A 59 -5.24 -2.23 -7.02
C SER A 59 -5.63 -3.10 -5.82
N PRO A 60 -5.15 -4.35 -5.69
CA PRO A 60 -5.64 -5.22 -4.62
C PRO A 60 -5.36 -4.70 -3.20
N THR A 61 -4.25 -4.02 -2.97
CA THR A 61 -3.99 -3.49 -1.62
C THR A 61 -5.06 -2.45 -1.30
N ARG A 62 -5.38 -1.59 -2.29
CA ARG A 62 -6.40 -0.51 -2.14
C ARG A 62 -7.74 -1.20 -1.87
N ALA A 63 -8.07 -2.26 -2.61
CA ALA A 63 -9.28 -3.05 -2.31
C ALA A 63 -9.21 -3.62 -0.87
N SER A 64 -8.05 -4.06 -0.43
CA SER A 64 -7.87 -4.65 0.92
C SER A 64 -8.22 -3.63 1.99
N ILE A 65 -7.64 -2.45 1.84
CA ILE A 65 -7.73 -1.39 2.89
C ILE A 65 -9.19 -1.13 3.20
N LEU A 66 -9.93 -0.81 2.12
CA LEU A 66 -11.34 -0.37 2.13
C LEU A 66 -12.26 -1.49 2.60
N THR A 67 -11.96 -2.78 2.39
CA THR A 67 -12.96 -3.88 2.63
C THR A 67 -12.66 -4.70 3.87
N GLY A 68 -11.40 -4.68 4.31
CA GLY A 68 -10.90 -5.52 5.41
C GLY A 68 -10.80 -6.97 5.02
N LYS A 69 -10.73 -7.24 3.72
CA LYS A 69 -10.68 -8.61 3.16
C LYS A 69 -9.38 -8.75 2.36
N TYR A 70 -8.81 -9.95 2.35
CA TYR A 70 -7.55 -10.25 1.62
C TYR A 70 -7.88 -10.24 0.15
N PRO A 71 -6.94 -9.85 -0.72
CA PRO A 71 -7.13 -9.90 -2.17
C PRO A 71 -7.59 -11.26 -2.69
N ALA A 72 -7.08 -12.37 -2.15
CA ALA A 72 -7.40 -13.70 -2.70
C ALA A 72 -8.89 -13.97 -2.46
N HIS A 73 -9.38 -13.43 -1.34
CA HIS A 73 -10.77 -13.56 -0.82
C HIS A 73 -11.69 -12.64 -1.63
N LEU A 74 -11.17 -11.52 -2.11
CA LEU A 74 -11.91 -10.54 -2.95
C LEU A 74 -11.96 -11.05 -4.38
N HIS A 75 -11.00 -11.86 -4.78
CA HIS A 75 -10.77 -12.32 -6.19
C HIS A 75 -10.41 -11.09 -7.03
N LEU A 76 -9.70 -10.16 -6.42
CA LEU A 76 -9.03 -9.03 -7.09
C LEU A 76 -7.54 -9.04 -6.69
N THR A 77 -6.67 -9.64 -7.50
CA THR A 77 -5.38 -10.21 -7.03
C THR A 77 -4.20 -9.59 -7.79
N ASP A 78 -4.46 -8.94 -8.92
CA ASP A 78 -3.43 -8.14 -9.66
C ASP A 78 -3.91 -6.70 -9.78
N TRP A 79 -3.01 -5.79 -10.13
CA TRP A 79 -3.37 -4.39 -10.49
C TRP A 79 -4.25 -4.47 -11.74
N ILE A 80 -5.25 -3.61 -11.84
CA ILE A 80 -6.19 -3.66 -12.98
C ILE A 80 -5.59 -2.86 -14.12
N PRO A 81 -5.50 -3.37 -15.38
CA PRO A 81 -5.99 -4.69 -15.76
C PRO A 81 -4.95 -5.84 -15.79
N GLY A 82 -3.74 -5.59 -15.33
CA GLY A 82 -2.76 -6.68 -15.19
C GLY A 82 -1.75 -6.68 -16.30
N ARG A 83 -0.56 -7.23 -16.04
CA ARG A 83 0.48 -7.43 -17.08
C ARG A 83 -0.12 -8.20 -18.26
N LYS A 84 0.28 -7.86 -19.49
CA LYS A 84 -0.08 -8.65 -20.70
C LYS A 84 0.52 -10.05 -20.53
N GLN A 85 -0.18 -11.11 -20.93
CA GLN A 85 0.28 -12.52 -20.91
C GLN A 85 1.50 -12.73 -21.84
N TRP A 86 2.57 -13.26 -21.30
CA TRP A 86 3.70 -13.68 -22.14
C TRP A 86 3.20 -14.91 -22.87
N PRO A 87 3.37 -15.04 -24.18
CA PRO A 87 2.72 -16.14 -24.90
C PRO A 87 3.29 -17.50 -24.53
N THR A 88 4.46 -17.53 -23.88
CA THR A 88 5.28 -18.77 -23.77
C THR A 88 5.75 -19.02 -22.34
N SER A 89 5.22 -18.30 -21.35
CA SER A 89 5.60 -18.51 -19.93
C SER A 89 5.11 -19.88 -19.47
N LYS A 90 5.67 -20.35 -18.35
CA LYS A 90 5.29 -21.65 -17.77
C LYS A 90 3.79 -21.59 -17.40
N LEU A 91 3.29 -20.41 -17.03
CA LEU A 91 1.93 -20.29 -16.45
C LEU A 91 1.08 -19.34 -17.26
N LEU A 92 -0.23 -19.60 -17.26
CA LEU A 92 -1.30 -18.63 -17.61
C LEU A 92 -1.77 -17.98 -16.30
N GLY A 93 -1.81 -16.64 -16.28
CA GLY A 93 -2.33 -15.84 -15.16
C GLY A 93 -3.72 -16.28 -14.76
N ALA A 94 -4.10 -16.02 -13.52
CA ALA A 94 -5.48 -16.32 -13.10
C ALA A 94 -6.34 -15.13 -13.50
N PRO A 95 -7.62 -15.40 -13.80
CA PRO A 95 -8.58 -14.33 -14.04
C PRO A 95 -8.95 -13.67 -12.70
N PHE A 96 -9.29 -12.39 -12.74
CA PHE A 96 -9.73 -11.66 -11.53
C PHE A 96 -10.68 -10.52 -11.90
N TYR A 97 -11.53 -10.14 -10.95
CA TYR A 97 -12.43 -8.96 -11.06
C TYR A 97 -11.62 -7.73 -11.51
N GLN A 98 -12.10 -7.08 -12.57
CA GLN A 98 -11.46 -5.86 -13.12
C GLN A 98 -12.02 -4.60 -12.42
N GLU A 99 -12.49 -4.76 -11.18
CA GLU A 99 -13.23 -3.72 -10.44
C GLU A 99 -13.30 -4.19 -8.99
N LEU A 100 -13.37 -3.27 -8.04
CA LEU A 100 -13.85 -3.65 -6.71
C LEU A 100 -15.36 -3.73 -6.90
N PRO A 101 -15.93 -4.96 -6.85
CA PRO A 101 -17.37 -5.19 -6.89
C PRO A 101 -18.18 -4.34 -5.91
N LEU A 102 -19.41 -4.02 -6.33
CA LEU A 102 -20.27 -3.13 -5.52
C LEU A 102 -20.83 -3.89 -4.31
N TRP A 103 -20.80 -5.21 -4.34
CA TRP A 103 -21.41 -6.03 -3.27
C TRP A 103 -20.46 -6.13 -2.08
N GLU A 104 -19.23 -5.69 -2.26
CA GLU A 104 -18.26 -5.56 -1.15
C GLU A 104 -18.62 -4.28 -0.38
N THR A 105 -18.67 -4.39 0.94
CA THR A 105 -18.82 -3.29 1.89
C THR A 105 -17.48 -2.61 2.19
N THR A 106 -17.41 -1.29 1.96
CA THR A 106 -16.22 -0.48 2.28
C THR A 106 -16.39 0.21 3.64
N ILE A 107 -15.27 0.64 4.21
CA ILE A 107 -15.27 1.28 5.54
C ILE A 107 -16.09 2.57 5.43
N ALA A 108 -16.12 3.17 4.25
CA ALA A 108 -16.92 4.39 3.99
C ALA A 108 -18.40 4.07 4.19
N GLU A 109 -18.89 2.99 3.57
CA GLU A 109 -20.32 2.57 3.69
C GLU A 109 -20.58 2.32 5.17
N ARG A 110 -19.65 1.69 5.89
CA ARG A 110 -19.94 1.29 7.29
C ARG A 110 -20.09 2.52 8.19
N LEU A 111 -19.33 3.56 7.92
CA LEU A 111 -19.37 4.81 8.70
C LEU A 111 -20.58 5.65 8.33
N LYS A 112 -20.98 5.65 7.07
CA LYS A 112 -22.05 6.58 6.62
C LYS A 112 -23.17 6.60 7.65
N PRO A 113 -23.85 5.49 7.98
CA PRO A 113 -24.95 5.56 8.94
C PRO A 113 -24.63 6.17 10.32
N LEU A 114 -23.39 6.48 10.66
CA LEU A 114 -23.12 7.17 11.97
C LEU A 114 -22.98 8.67 11.78
N GLY A 115 -23.38 9.18 10.62
CA GLY A 115 -23.40 10.63 10.29
C GLY A 115 -22.14 11.11 9.62
N TYR A 116 -21.33 10.21 9.10
CA TYR A 116 -20.01 10.60 8.56
C TYR A 116 -20.20 11.14 7.14
N THR A 117 -19.44 12.17 6.83
CA THR A 117 -19.20 12.65 5.47
C THR A 117 -17.95 11.94 5.00
N THR A 118 -17.94 11.45 3.77
CA THR A 118 -16.88 10.56 3.24
C THR A 118 -16.42 11.09 1.89
N ALA A 119 -15.11 11.10 1.69
CA ALA A 119 -14.52 11.51 0.40
C ALA A 119 -13.32 10.63 0.08
N ALA A 120 -13.22 10.28 -1.19
CA ALA A 120 -12.07 9.62 -1.83
C ALA A 120 -11.43 10.63 -2.79
N MET A 121 -10.16 10.91 -2.58
CA MET A 121 -9.45 11.94 -3.36
C MET A 121 -8.10 11.39 -3.79
N GLY A 122 -7.87 11.33 -5.09
CA GLY A 122 -6.61 10.90 -5.70
C GLY A 122 -6.85 9.63 -6.46
N LYS A 123 -6.00 8.64 -6.26
CA LYS A 123 -5.92 7.43 -7.09
C LYS A 123 -7.01 6.45 -6.64
N TRP A 124 -7.83 6.05 -7.60
CA TRP A 124 -8.89 5.05 -7.29
C TRP A 124 -8.37 3.66 -7.66
N HIS A 125 -8.30 3.42 -8.96
CA HIS A 125 -7.73 2.21 -9.59
C HIS A 125 -8.51 0.98 -9.12
N LEU A 126 -9.82 1.12 -8.94
CA LEU A 126 -10.69 -0.05 -8.63
C LEU A 126 -11.86 -0.16 -9.64
N GLY A 127 -11.59 0.12 -10.92
CA GLY A 127 -12.52 -0.20 -12.02
C GLY A 127 -13.03 1.06 -12.70
N HIS A 128 -13.79 0.92 -13.79
CA HIS A 128 -14.44 2.05 -14.52
C HIS A 128 -15.71 2.42 -13.77
N GLU A 129 -16.35 3.54 -14.13
CA GLU A 129 -17.61 3.95 -13.47
C GLU A 129 -18.70 3.08 -14.05
N PRO A 130 -19.30 2.16 -13.28
CA PRO A 130 -19.97 2.43 -12.02
C PRO A 130 -19.21 1.96 -10.78
N TYR A 131 -17.99 1.44 -10.93
CA TYR A 131 -17.31 0.89 -9.74
C TYR A 131 -16.41 1.93 -9.05
N TYR A 132 -16.75 3.20 -9.33
CA TYR A 132 -16.06 4.38 -8.76
C TYR A 132 -16.54 4.63 -7.33
N PRO A 133 -16.03 5.66 -6.62
CA PRO A 133 -16.30 5.80 -5.20
C PRO A 133 -17.71 6.26 -4.83
N GLU A 134 -18.27 7.15 -5.62
CA GLU A 134 -19.62 7.66 -5.30
C GLU A 134 -20.54 6.46 -5.11
N ARG A 135 -20.27 5.36 -5.80
CA ARG A 135 -21.17 4.17 -5.73
C ARG A 135 -20.53 3.12 -4.83
N GLN A 136 -19.86 3.54 -3.77
CA GLN A 136 -19.09 2.60 -2.92
C GLN A 136 -18.86 3.31 -1.57
N GLY A 137 -19.78 4.18 -1.16
CA GLY A 137 -19.85 4.73 0.21
C GLY A 137 -19.34 6.17 0.31
N PHE A 138 -18.66 6.67 -0.72
CA PHE A 138 -18.16 8.05 -0.74
C PHE A 138 -19.16 9.07 -1.30
N ASP A 139 -19.16 10.24 -0.65
CA ASP A 139 -20.03 11.39 -1.01
C ASP A 139 -19.37 12.18 -2.11
N ILE A 140 -18.05 12.19 -2.13
CA ILE A 140 -17.24 13.04 -3.04
C ILE A 140 -16.15 12.17 -3.65
N ASN A 141 -16.01 12.21 -4.97
CA ASN A 141 -14.81 11.67 -5.66
C ASN A 141 -14.05 12.87 -6.19
N VAL A 142 -12.75 12.97 -5.88
CA VAL A 142 -11.87 13.97 -6.55
C VAL A 142 -10.70 13.24 -7.18
N ALA A 143 -10.67 13.24 -8.51
CA ALA A 143 -9.55 12.79 -9.37
C ALA A 143 -9.48 11.25 -9.55
N GLY A 144 -10.31 10.47 -8.85
CA GLY A 144 -10.39 9.01 -9.01
C GLY A 144 -10.93 8.57 -10.36
N THR A 145 -10.23 7.68 -11.05
CA THR A 145 -10.70 7.01 -12.28
C THR A 145 -10.27 5.56 -12.25
N PHE A 146 -10.49 4.82 -13.34
CA PHE A 146 -9.99 3.44 -13.51
C PHE A 146 -8.47 3.50 -13.57
N ARG A 147 -7.93 4.67 -13.92
CA ARG A 147 -6.48 4.85 -14.14
C ARG A 147 -5.68 4.46 -12.89
N GLY A 148 -4.48 3.93 -13.10
CA GLY A 148 -3.50 3.55 -12.08
C GLY A 148 -2.29 4.47 -12.07
N HIS A 149 -2.32 5.54 -12.84
CA HIS A 149 -1.26 6.57 -12.84
C HIS A 149 -1.78 7.86 -13.44
N PRO A 150 -1.10 8.98 -13.16
CA PRO A 150 -1.41 10.25 -13.81
C PRO A 150 -0.74 10.39 -15.18
N GLU A 151 -1.41 10.99 -16.16
CA GLU A 151 -0.74 11.18 -17.46
C GLU A 151 0.42 12.13 -17.22
N SER A 152 0.24 13.15 -16.43
CA SER A 152 1.37 14.03 -16.06
C SER A 152 1.09 14.52 -14.66
N TYR A 153 2.15 14.94 -13.99
CA TYR A 153 2.11 15.62 -12.67
C TYR A 153 1.94 17.14 -12.87
N PHE A 154 1.84 17.62 -14.10
CA PHE A 154 1.61 19.06 -14.40
C PHE A 154 0.31 19.22 -15.17
N GLY A 155 -0.37 20.31 -14.87
CA GLY A 155 -1.64 20.66 -15.52
C GLY A 155 -1.48 20.91 -17.01
N PRO A 156 -2.57 21.27 -17.70
CA PRO A 156 -3.90 21.30 -17.10
C PRO A 156 -4.33 19.87 -16.75
N PHE A 157 -5.34 19.71 -15.88
CA PHE A 157 -5.90 18.38 -15.48
C PHE A 157 -7.33 18.20 -15.98
N ASP A 158 -7.73 16.95 -16.18
CA ASP A 158 -9.10 16.64 -16.67
C ASP A 158 -9.53 15.33 -16.04
N LEU A 159 -9.85 15.42 -14.76
CA LEU A 159 -10.29 14.28 -13.94
C LEU A 159 -11.54 14.68 -13.18
N PRO A 160 -12.32 13.69 -12.68
CA PRO A 160 -13.57 13.96 -11.96
C PRO A 160 -13.42 14.99 -10.82
N ASN A 161 -14.11 16.13 -10.93
CA ASN A 161 -14.14 17.16 -9.89
C ASN A 161 -12.73 17.70 -9.64
N PHE A 162 -11.83 17.46 -10.58
CA PHE A 162 -10.43 17.88 -10.54
C PHE A 162 -10.07 18.32 -11.95
N ARG A 163 -10.55 19.48 -12.34
CA ARG A 163 -10.54 19.83 -13.76
C ARG A 163 -9.91 21.20 -13.96
N GLY A 164 -8.72 21.22 -14.55
CA GLY A 164 -8.07 22.41 -15.16
C GLY A 164 -7.18 23.12 -14.19
N TRP A 165 -5.89 23.12 -14.41
CA TRP A 165 -5.07 24.20 -13.84
C TRP A 165 -4.12 24.59 -14.97
N THR A 166 -2.82 24.80 -14.75
CA THR A 166 -1.94 25.13 -15.93
C THR A 166 -0.68 24.25 -15.96
N LYS A 167 0.08 24.29 -17.05
CA LYS A 167 1.31 23.45 -17.18
C LYS A 167 2.30 23.80 -16.07
N ASN A 168 1.95 24.74 -15.18
CA ASN A 168 2.87 25.20 -14.10
C ASN A 168 2.37 24.74 -12.74
N ASP A 169 1.29 23.96 -12.70
CA ASP A 169 0.65 23.55 -11.43
C ASP A 169 1.01 22.08 -11.21
N TYR A 170 1.56 21.77 -10.03
CA TYR A 170 2.01 20.38 -9.72
C TYR A 170 0.83 19.64 -9.08
N LEU A 171 0.61 18.42 -9.57
CA LEU A 171 -0.51 17.54 -9.16
C LEU A 171 -0.53 17.40 -7.63
N THR A 172 0.56 16.92 -7.04
CA THR A 172 0.59 16.64 -5.58
C THR A 172 0.18 17.89 -4.80
N ASP A 173 0.56 19.08 -5.28
CA ASP A 173 0.25 20.39 -4.64
C ASP A 173 -1.25 20.65 -4.75
N ARG A 174 -1.80 20.60 -5.97
CA ARG A 174 -3.23 20.93 -6.23
C ARG A 174 -4.18 19.89 -5.60
N LEU A 175 -3.86 18.60 -5.70
CA LEU A 175 -4.63 17.57 -4.99
C LEU A 175 -4.71 17.95 -3.51
N THR A 176 -3.60 18.38 -2.91
CA THR A 176 -3.58 18.75 -1.48
C THR A 176 -4.54 19.93 -1.25
N ASP A 177 -4.47 20.99 -2.04
CA ASP A 177 -5.43 22.11 -1.86
C ASP A 177 -6.87 21.56 -1.83
N LYS A 178 -7.21 20.64 -2.73
CA LYS A 178 -8.59 20.11 -2.84
C LYS A 178 -8.96 19.29 -1.60
N ALA A 179 -7.97 18.72 -0.92
CA ALA A 179 -8.18 17.92 0.31
C ALA A 179 -8.39 18.89 1.46
N LEU A 180 -7.54 19.92 1.54
CA LEU A 180 -7.74 21.03 2.49
C LEU A 180 -9.16 21.56 2.28
N GLN A 181 -9.60 21.66 1.02
CA GLN A 181 -10.95 22.23 0.73
C GLN A 181 -11.99 21.41 1.50
N PHE A 182 -11.85 20.08 1.47
CA PHE A 182 -12.78 19.14 2.12
C PHE A 182 -12.70 19.33 3.64
N LEU A 183 -11.51 19.53 4.18
CA LEU A 183 -11.34 19.71 5.63
C LEU A 183 -12.03 21.01 6.03
N GLU A 184 -11.85 22.06 5.23
CA GLU A 184 -12.44 23.41 5.48
C GLU A 184 -13.97 23.27 5.44
N GLU A 185 -14.51 22.59 4.42
CA GLU A 185 -15.98 22.42 4.22
C GLU A 185 -16.55 21.67 5.41
N ASN A 186 -15.92 20.57 5.84
CA ASN A 186 -16.51 19.69 6.88
C ASN A 186 -15.83 19.90 8.22
N ARG A 187 -15.22 21.06 8.44
CA ARG A 187 -14.54 21.40 9.72
C ARG A 187 -15.43 20.94 10.88
N GLN A 188 -16.75 21.10 10.78
CA GLN A 188 -17.60 20.85 11.99
C GLN A 188 -18.29 19.48 11.98
N ARG A 189 -18.02 18.65 10.98
CA ARG A 189 -18.70 17.36 10.87
C ARG A 189 -17.73 16.24 11.11
N PRO A 190 -18.27 15.07 11.50
CA PRO A 190 -17.50 13.83 11.52
C PRO A 190 -17.23 13.40 10.07
N PHE A 191 -15.96 13.15 9.73
CA PHE A 191 -15.60 12.79 8.34
C PHE A 191 -14.58 11.66 8.28
N PHE A 192 -14.57 11.03 7.11
CA PHE A 192 -13.59 10.03 6.69
C PHE A 192 -13.05 10.47 5.32
N LEU A 193 -11.74 10.63 5.23
CA LEU A 193 -11.06 11.01 3.98
C LEU A 193 -10.07 9.91 3.61
N TYR A 194 -10.29 9.27 2.46
CA TYR A 194 -9.29 8.38 1.78
C TYR A 194 -8.49 9.31 0.85
N LEU A 195 -7.26 9.65 1.25
CA LEU A 195 -6.37 10.58 0.48
C LEU A 195 -5.26 9.75 -0.19
N ALA A 196 -5.49 9.32 -1.42
CA ALA A 196 -4.55 8.43 -2.15
C ALA A 196 -3.73 9.27 -3.10
N HIS A 197 -2.53 9.68 -2.71
CA HIS A 197 -1.71 10.53 -3.60
C HIS A 197 -1.42 9.67 -4.82
N PHE A 198 -1.23 10.34 -5.97
CA PHE A 198 -0.72 9.68 -7.19
C PHE A 198 0.76 9.45 -7.00
N ALA A 199 1.42 10.35 -6.25
CA ALA A 199 2.83 10.21 -5.82
C ALA A 199 2.94 8.92 -5.03
N VAL A 200 3.92 8.08 -5.36
CA VAL A 200 5.08 8.46 -6.14
C VAL A 200 5.18 7.53 -7.35
N HIS A 201 4.07 7.17 -7.98
CA HIS A 201 4.01 6.25 -9.15
C HIS A 201 4.74 6.93 -10.30
N THR A 202 5.33 6.12 -11.19
CA THR A 202 5.75 6.64 -12.51
C THR A 202 4.55 7.36 -13.12
N PRO A 203 4.75 8.37 -13.99
CA PRO A 203 6.07 8.84 -14.40
C PRO A 203 6.80 9.77 -13.41
N LEU A 204 8.13 9.63 -13.29
CA LEU A 204 8.98 10.53 -12.48
C LEU A 204 8.92 11.93 -13.11
N GLN A 205 8.19 12.86 -12.49
CA GLN A 205 8.22 14.32 -12.84
C GLN A 205 8.13 15.12 -11.56
N ALA A 206 8.83 16.26 -11.50
CA ALA A 206 8.82 17.15 -10.32
C ALA A 206 9.27 18.56 -10.72
N LYS A 207 9.17 19.51 -9.79
CA LYS A 207 9.65 20.91 -9.99
C LYS A 207 11.16 20.90 -10.27
N ALA A 208 11.61 21.64 -11.30
CA ALA A 208 13.03 21.70 -11.77
C ALA A 208 13.98 22.13 -10.61
N GLU A 209 13.72 23.26 -9.96
CA GLU A 209 14.48 23.81 -8.79
C GLU A 209 14.63 22.73 -7.73
N MET A 210 13.59 21.96 -7.43
CA MET A 210 13.66 20.91 -6.39
C MET A 210 14.53 19.73 -6.88
N ILE A 211 14.40 19.33 -8.15
CA ILE A 211 15.26 18.28 -8.77
C ILE A 211 16.73 18.71 -8.60
N ALA A 212 17.06 19.92 -9.04
CA ALA A 212 18.43 20.47 -8.93
C ALA A 212 18.98 20.21 -7.53
N LYS A 213 18.22 20.48 -6.46
CA LYS A 213 18.67 20.28 -5.06
C LYS A 213 19.25 18.86 -4.90
N TYR A 214 18.61 17.88 -5.52
CA TYR A 214 18.89 16.46 -5.22
C TYR A 214 19.93 15.91 -6.18
N GLU A 215 20.18 16.54 -7.34
CA GLU A 215 21.34 16.20 -8.20
C GLU A 215 22.60 16.59 -7.43
N ARG A 216 22.60 17.75 -6.78
CA ARG A 216 23.77 18.18 -5.96
C ARG A 216 24.04 17.15 -4.86
N LYS A 217 23.02 16.40 -4.43
CA LYS A 217 23.19 15.45 -3.32
C LYS A 217 23.40 14.02 -3.81
N ALA A 218 23.22 13.76 -5.11
CA ALA A 218 23.19 12.41 -5.72
C ALA A 218 24.60 11.98 -6.14
N ARG A 219 25.56 12.91 -6.01
CA ARG A 219 26.97 12.61 -6.35
C ARG A 219 27.45 11.43 -5.51
N GLY A 220 28.04 10.43 -6.15
CA GLY A 220 28.57 9.22 -5.46
C GLY A 220 27.68 8.77 -4.32
N ARG A 221 26.38 8.65 -4.58
CA ARG A 221 25.41 8.16 -3.56
C ARG A 221 25.32 6.64 -3.69
N LYS A 222 25.48 6.10 -4.89
CA LYS A 222 25.48 4.63 -5.11
C LYS A 222 24.07 4.06 -4.92
N LEU A 223 23.53 4.12 -3.70
CA LEU A 223 22.22 3.50 -3.43
C LEU A 223 21.09 4.41 -3.95
N GLN A 224 20.22 4.87 -3.04
CA GLN A 224 19.11 5.80 -3.43
C GLN A 224 19.68 7.02 -4.18
N LYS A 225 19.40 7.18 -5.47
CA LYS A 225 20.24 7.99 -6.40
C LYS A 225 19.36 8.93 -7.24
N ASN A 226 18.04 8.77 -7.25
CA ASN A 226 17.19 9.38 -8.30
C ASN A 226 16.65 10.72 -7.81
N PRO A 227 17.04 11.85 -8.45
CA PRO A 227 16.72 13.17 -7.90
C PRO A 227 15.21 13.46 -8.08
N THR A 228 14.72 13.26 -9.30
CA THR A 228 13.29 13.45 -9.59
C THR A 228 12.46 12.77 -8.49
N TYR A 229 12.72 11.49 -8.18
CA TYR A 229 11.97 10.71 -7.14
C TYR A 229 12.06 11.43 -5.80
N ALA A 230 13.28 11.76 -5.36
CA ALA A 230 13.51 12.42 -4.05
C ALA A 230 12.65 13.69 -3.97
N ALA A 231 12.55 14.40 -5.10
CA ALA A 231 11.77 15.66 -5.22
C ALA A 231 10.28 15.34 -5.09
N MET A 232 9.85 14.27 -5.76
CA MET A 232 8.45 13.81 -5.65
C MET A 232 8.15 13.62 -4.16
N ILE A 233 9.09 13.02 -3.44
CA ILE A 233 8.89 12.70 -2.01
C ILE A 233 8.84 13.98 -1.22
N GLU A 234 9.72 14.94 -1.50
CA GLU A 234 9.65 16.24 -0.79
C GLU A 234 8.27 16.88 -1.06
N SER A 235 7.82 16.94 -2.32
CA SER A 235 6.55 17.65 -2.66
C SER A 235 5.38 16.91 -1.99
N MET A 236 5.49 15.59 -1.91
CA MET A 236 4.49 14.74 -1.22
C MET A 236 4.52 15.08 0.28
N ASP A 237 5.71 15.06 0.88
CA ASP A 237 5.88 15.35 2.32
C ASP A 237 5.32 16.75 2.65
N GLN A 238 5.48 17.75 1.76
CA GLN A 238 4.89 19.11 1.98
C GLN A 238 3.38 18.97 2.10
N GLY A 239 2.76 18.31 1.12
CA GLY A 239 1.32 18.01 1.13
C GLY A 239 0.84 17.39 2.45
N VAL A 240 1.68 16.58 3.08
CA VAL A 240 1.29 15.88 4.34
C VAL A 240 1.32 16.89 5.49
N GLY A 241 2.31 17.78 5.52
CA GLY A 241 2.41 18.82 6.55
C GLY A 241 1.22 19.75 6.46
N ARG A 242 0.82 20.06 5.23
CA ARG A 242 -0.28 21.01 4.97
C ARG A 242 -1.56 20.45 5.59
N VAL A 243 -1.78 19.15 5.43
CA VAL A 243 -2.94 18.45 6.05
C VAL A 243 -2.77 18.55 7.56
N MET A 244 -1.59 18.18 8.05
CA MET A 244 -1.37 18.04 9.50
C MET A 244 -1.65 19.41 10.13
N SER A 245 -1.20 20.48 9.46
CA SER A 245 -1.22 21.85 10.04
C SER A 245 -2.61 22.45 9.82
N LYS A 246 -3.29 22.13 8.73
CA LYS A 246 -4.71 22.54 8.59
C LYS A 246 -5.53 21.94 9.73
N LEU A 247 -5.28 20.71 10.12
CA LEU A 247 -6.06 20.11 11.24
C LEU A 247 -5.80 20.94 12.50
N GLU A 248 -4.64 21.59 12.59
CA GLU A 248 -4.30 22.44 13.75
C GLU A 248 -5.13 23.74 13.68
N ASP A 249 -5.12 24.41 12.52
CA ASP A 249 -5.81 25.70 12.26
C ASP A 249 -7.30 25.52 12.50
N LEU A 250 -7.87 24.37 12.18
CA LEU A 250 -9.32 24.11 12.39
C LEU A 250 -9.58 23.61 13.81
N LYS A 251 -8.57 23.39 14.65
CA LYS A 251 -8.81 23.01 16.07
C LYS A 251 -9.57 21.68 16.14
N ILE A 252 -9.20 20.72 15.27
CA ILE A 252 -9.76 19.33 15.26
C ILE A 252 -8.66 18.27 15.24
N ALA A 253 -7.38 18.64 15.21
CA ALA A 253 -6.28 17.66 15.30
C ALA A 253 -6.52 16.77 16.53
N ASP A 254 -7.06 17.31 17.62
CA ASP A 254 -7.21 16.54 18.88
C ASP A 254 -8.07 15.28 18.69
N HIS A 255 -9.03 15.31 17.77
CA HIS A 255 -10.00 14.17 17.61
C HIS A 255 -10.01 13.68 16.17
N THR A 256 -8.90 13.84 15.47
CA THR A 256 -8.73 13.26 14.12
C THR A 256 -7.62 12.21 14.18
N VAL A 257 -7.98 10.99 13.78
CA VAL A 257 -7.03 9.86 13.58
C VAL A 257 -6.40 9.96 12.19
N ILE A 258 -5.08 9.90 12.13
CA ILE A 258 -4.35 9.81 10.84
C ILE A 258 -3.72 8.44 10.73
N ILE A 259 -3.89 7.82 9.58
CA ILE A 259 -3.23 6.56 9.17
C ILE A 259 -2.45 6.87 7.91
N PHE A 260 -1.13 6.78 7.98
CA PHE A 260 -0.20 7.05 6.87
C PHE A 260 0.49 5.76 6.49
N THR A 261 0.32 5.33 5.25
CA THR A 261 0.88 4.04 4.79
C THR A 261 0.98 4.06 3.27
N SER A 262 1.27 2.89 2.72
CA SER A 262 1.59 2.69 1.28
C SER A 262 0.78 1.51 0.77
N ASP A 263 0.58 1.47 -0.56
CA ASP A 263 -0.23 0.38 -1.18
C ASP A 263 0.70 -0.76 -1.57
N ASN A 264 2.01 -0.52 -1.55
CA ASN A 264 3.01 -1.59 -1.85
C ASN A 264 4.43 -1.04 -1.69
N GLY A 265 5.42 -1.93 -1.84
CA GLY A 265 6.83 -1.58 -1.65
C GLY A 265 7.37 -0.75 -2.79
N GLY A 266 8.56 -0.17 -2.63
CA GLY A 266 9.17 0.79 -3.58
C GLY A 266 9.46 0.19 -4.94
N LEU A 267 9.29 0.99 -5.99
CA LEU A 267 9.65 0.56 -7.37
C LEU A 267 11.17 0.50 -7.49
N MET A 268 11.65 -0.47 -8.26
CA MET A 268 13.10 -0.64 -8.49
C MET A 268 13.25 -1.56 -9.71
N TYR A 269 13.29 -1.04 -10.94
CA TYR A 269 13.48 -1.86 -12.18
C TYR A 269 12.14 -2.19 -12.87
N GLU A 270 11.35 -1.17 -13.22
CA GLU A 270 10.09 -1.31 -13.98
C GLU A 270 10.47 -1.94 -15.33
N GLY A 271 10.16 -3.22 -15.51
CA GLY A 271 10.20 -3.96 -16.79
C GLY A 271 11.28 -3.52 -17.76
N SER A 272 12.43 -4.15 -17.67
CA SER A 272 13.54 -4.03 -18.68
C SER A 272 14.19 -2.65 -18.68
N ARG A 273 13.90 -1.82 -17.68
CA ARG A 273 14.59 -0.51 -17.55
C ARG A 273 15.94 -0.79 -16.89
N ARG A 274 17.03 -0.21 -17.41
CA ARG A 274 18.38 -0.53 -16.89
C ARG A 274 18.60 0.07 -15.49
N GLU A 275 17.85 1.12 -15.13
CA GLU A 275 18.08 1.81 -13.81
C GLU A 275 16.95 1.49 -12.85
N PRO A 276 17.25 1.19 -11.55
CA PRO A 276 16.21 1.11 -10.51
C PRO A 276 15.72 2.50 -10.06
N VAL A 277 14.51 2.60 -9.52
CA VAL A 277 13.94 3.94 -9.15
C VAL A 277 14.34 4.27 -7.71
N THR A 278 14.06 3.39 -6.77
CA THR A 278 14.59 3.49 -5.38
C THR A 278 15.22 2.14 -4.99
N SER A 279 15.62 2.03 -3.73
CA SER A 279 16.16 0.79 -3.13
C SER A 279 15.45 0.61 -1.81
N ASN A 280 15.24 -0.64 -1.45
CA ASN A 280 14.53 -1.04 -0.22
C ASN A 280 15.52 -1.76 0.69
N ARG A 281 16.81 -1.76 0.34
CA ARG A 281 17.85 -2.33 1.23
C ARG A 281 17.53 -1.78 2.60
N PRO A 282 17.59 -2.62 3.66
CA PRO A 282 18.02 -4.03 3.56
C PRO A 282 17.14 -5.07 2.87
N LEU A 283 15.87 -4.74 2.66
CA LEU A 283 14.84 -5.69 2.20
C LEU A 283 15.11 -6.09 0.75
N ARG A 284 14.81 -7.35 0.45
CA ARG A 284 15.02 -7.90 -0.92
C ARG A 284 13.99 -7.33 -1.89
N ALA A 285 14.43 -6.87 -3.05
CA ALA A 285 13.60 -6.50 -4.21
C ALA A 285 12.69 -5.31 -3.84
N GLY A 286 11.43 -5.34 -4.31
CA GLY A 286 10.47 -4.22 -4.24
C GLY A 286 9.18 -4.53 -5.00
N LYS A 287 8.50 -3.49 -5.49
CA LYS A 287 7.11 -3.54 -6.01
C LYS A 287 7.06 -4.67 -7.00
N GLY A 288 6.05 -5.52 -6.91
CA GLY A 288 5.84 -6.58 -7.91
C GLY A 288 6.39 -7.92 -7.45
N HIS A 289 7.03 -7.97 -6.28
CA HIS A 289 7.66 -9.20 -5.73
C HIS A 289 7.06 -9.56 -4.37
N LEU A 290 7.08 -10.84 -4.01
CA LEU A 290 6.55 -11.28 -2.69
C LEU A 290 7.63 -11.21 -1.60
N TYR A 291 8.86 -10.86 -1.95
CA TYR A 291 9.93 -10.60 -0.95
C TYR A 291 9.53 -9.33 -0.21
N GLU A 292 10.06 -9.14 1.00
CA GLU A 292 9.72 -8.06 1.96
C GLU A 292 9.84 -6.69 1.27
N GLY A 293 10.65 -6.56 0.22
CA GLY A 293 10.81 -5.26 -0.45
C GLY A 293 9.50 -4.73 -1.02
N GLY A 294 8.65 -5.67 -1.43
CA GLY A 294 7.43 -5.44 -2.20
C GLY A 294 6.18 -5.41 -1.33
N VAL A 295 6.29 -5.77 -0.05
CA VAL A 295 5.10 -5.99 0.80
C VAL A 295 5.24 -5.22 2.13
N ARG A 296 6.46 -4.96 2.59
CA ARG A 296 6.67 -4.21 3.85
C ARG A 296 6.64 -2.74 3.48
N VAL A 297 5.82 -2.02 4.23
CA VAL A 297 5.51 -0.58 3.97
C VAL A 297 5.59 0.21 5.26
N PRO A 298 5.68 1.54 5.10
CA PRO A 298 5.56 2.48 6.22
C PRO A 298 4.16 2.42 6.82
N LEU A 299 4.07 2.60 8.11
CA LEU A 299 2.75 2.76 8.74
C LEU A 299 2.94 3.61 9.98
N ILE A 300 2.32 4.78 9.99
CA ILE A 300 2.32 5.69 11.16
C ILE A 300 0.88 6.00 11.48
N ILE A 301 0.51 5.95 12.75
CA ILE A 301 -0.86 6.26 13.22
C ILE A 301 -0.78 7.29 14.34
N ARG A 302 -1.30 8.49 14.11
CA ARG A 302 -1.47 9.53 15.15
C ARG A 302 -2.92 9.40 15.63
N TRP A 303 -3.09 9.20 16.93
CA TRP A 303 -4.42 9.13 17.60
C TRP A 303 -4.31 9.93 18.88
N PRO A 304 -4.37 11.28 18.75
CA PRO A 304 -4.04 12.19 19.85
C PRO A 304 -4.84 11.82 21.11
N GLY A 305 -4.10 11.58 22.19
CA GLY A 305 -4.66 11.30 23.53
C GLY A 305 -4.89 9.83 23.76
N VAL A 306 -4.55 8.95 22.82
CA VAL A 306 -4.67 7.48 23.03
C VAL A 306 -3.31 6.84 22.74
N VAL A 307 -2.70 7.24 21.65
CA VAL A 307 -1.37 6.73 21.24
C VAL A 307 -0.36 7.67 21.87
N LYS A 308 0.37 7.16 22.87
CA LYS A 308 1.57 7.82 23.44
C LYS A 308 2.53 8.10 22.31
N PRO A 309 2.86 9.38 22.06
CA PRO A 309 3.68 9.76 20.93
C PRO A 309 5.12 9.22 21.03
N GLY A 310 5.71 8.95 19.87
CA GLY A 310 7.12 8.56 19.71
C GLY A 310 7.31 7.08 19.83
N THR A 311 6.24 6.32 20.16
CA THR A 311 6.29 4.84 20.35
C THR A 311 6.46 4.12 19.02
N THR A 312 6.90 2.86 19.05
CA THR A 312 7.00 2.00 17.84
C THR A 312 6.35 0.65 18.15
N CYS A 313 6.09 -0.17 17.11
CA CYS A 313 5.42 -1.48 17.22
C CYS A 313 6.00 -2.44 16.18
N ASP A 314 6.52 -3.53 16.74
CA ASP A 314 7.23 -4.62 16.02
C ASP A 314 6.23 -5.68 15.56
N VAL A 315 4.99 -5.65 16.03
CA VAL A 315 3.95 -6.67 15.68
C VAL A 315 3.57 -6.48 14.21
N PRO A 316 3.48 -7.59 13.43
CA PRO A 316 3.12 -7.50 12.01
C PRO A 316 1.64 -7.08 11.86
N ALA A 317 1.44 -6.05 11.05
CA ALA A 317 0.15 -5.44 10.63
C ALA A 317 0.05 -5.48 9.11
N CYS A 318 -1.19 -5.49 8.62
CA CYS A 318 -1.53 -5.58 7.19
C CYS A 318 -2.64 -4.60 6.84
N SER A 319 -2.76 -4.27 5.56
CA SER A 319 -3.86 -3.46 4.98
C SER A 319 -5.22 -3.96 5.47
N VAL A 320 -5.38 -5.27 5.61
CA VAL A 320 -6.71 -5.80 6.04
C VAL A 320 -7.13 -5.30 7.43
N ASP A 321 -6.20 -4.83 8.24
CA ASP A 321 -6.48 -4.49 9.65
C ASP A 321 -7.12 -3.10 9.78
N PHE A 322 -7.12 -2.27 8.73
CA PHE A 322 -7.56 -0.86 8.91
C PHE A 322 -9.06 -0.86 9.03
N PHE A 323 -9.74 -1.68 8.23
CA PHE A 323 -11.23 -1.68 8.29
C PHE A 323 -11.64 -1.88 9.75
N PRO A 324 -11.34 -3.03 10.39
CA PRO A 324 -11.89 -3.34 11.70
C PRO A 324 -11.31 -2.41 12.76
N THR A 325 -10.08 -1.93 12.53
CA THR A 325 -9.46 -0.96 13.47
C THR A 325 -10.38 0.26 13.52
N ILE A 326 -10.64 0.85 12.36
CA ILE A 326 -11.49 2.06 12.29
C ILE A 326 -12.87 1.73 12.86
N GLU A 327 -13.43 0.60 12.46
CA GLU A 327 -14.80 0.23 12.91
C GLU A 327 -14.82 0.35 14.43
N GLU A 328 -13.85 -0.26 15.08
CA GLU A 328 -13.79 -0.26 16.56
C GLU A 328 -13.48 1.15 17.09
N MET A 329 -12.58 1.89 16.47
CA MET A 329 -12.27 3.28 16.88
C MET A 329 -13.53 4.14 16.87
N ALA A 330 -14.53 3.80 16.06
CA ALA A 330 -15.77 4.59 15.84
C ALA A 330 -16.94 4.04 16.64
N GLY A 331 -16.70 3.04 17.49
CA GLY A 331 -17.68 2.41 18.40
C GLY A 331 -18.67 1.57 17.62
N LEU A 332 -18.18 0.67 16.79
CA LEU A 332 -19.04 -0.23 15.98
C LEU A 332 -18.79 -1.69 16.33
N ARG A 333 -19.88 -2.42 16.46
CA ARG A 333 -19.84 -3.87 16.70
C ARG A 333 -19.43 -4.55 15.39
N HIS A 334 -18.43 -5.43 15.45
CA HIS A 334 -17.98 -6.17 14.24
C HIS A 334 -19.15 -6.99 13.71
N ASP A 335 -19.56 -6.76 12.46
CA ASP A 335 -20.76 -7.43 11.92
C ASP A 335 -20.35 -8.87 11.63
N PRO A 336 -21.01 -9.91 12.21
CA PRO A 336 -20.51 -11.28 12.07
C PRO A 336 -20.78 -11.79 10.64
N LYS A 337 -21.71 -11.15 9.93
CA LYS A 337 -22.08 -11.47 8.52
C LYS A 337 -20.99 -10.93 7.58
N LEU A 338 -20.03 -10.10 8.01
CA LEU A 338 -19.06 -9.47 7.07
C LEU A 338 -17.92 -10.44 6.70
N ALA A 339 -17.49 -11.27 7.65
CA ALA A 339 -16.39 -12.24 7.39
C ALA A 339 -15.18 -11.50 6.83
N LEU A 340 -14.54 -10.65 7.64
CA LEU A 340 -13.33 -9.92 7.19
C LEU A 340 -12.13 -10.78 7.56
N ASP A 341 -10.96 -10.41 7.06
CA ASP A 341 -9.68 -11.13 7.29
C ASP A 341 -8.81 -10.32 8.26
N GLY A 342 -9.06 -9.03 8.48
CA GLY A 342 -8.22 -8.19 9.37
C GLY A 342 -8.60 -8.38 10.82
N VAL A 343 -7.77 -7.91 11.76
CA VAL A 343 -8.20 -7.68 13.16
C VAL A 343 -7.91 -6.22 13.51
N SER A 344 -8.52 -5.71 14.59
CA SER A 344 -8.28 -4.31 15.02
C SER A 344 -6.91 -4.22 15.69
N LEU A 345 -6.19 -3.14 15.39
CA LEU A 345 -4.90 -2.76 16.00
C LEU A 345 -5.09 -1.91 17.29
N THR A 346 -6.32 -1.58 17.71
CA THR A 346 -6.50 -0.74 18.91
C THR A 346 -5.72 -1.28 20.11
N PRO A 347 -5.61 -2.62 20.35
CA PRO A 347 -4.83 -3.12 21.48
C PRO A 347 -3.35 -2.71 21.37
N LEU A 348 -2.77 -2.74 20.15
CA LEU A 348 -1.37 -2.34 19.92
C LEU A 348 -1.24 -0.83 20.10
N LEU A 349 -2.17 -0.02 19.56
CA LEU A 349 -2.12 1.45 19.61
C LEU A 349 -2.24 1.92 21.07
N ARG A 350 -3.06 1.23 21.86
CA ARG A 350 -3.24 1.52 23.30
C ARG A 350 -2.09 0.94 24.13
N ARG A 351 -1.07 0.36 23.50
CA ARG A 351 0.01 -0.42 24.18
C ARG A 351 -0.63 -1.29 25.28
N LYS A 352 -1.80 -1.87 25.08
CA LYS A 352 -2.37 -2.89 25.99
C LYS A 352 -2.16 -4.26 25.37
N GLY A 353 -2.71 -5.28 25.98
CA GLY A 353 -2.51 -6.65 25.49
C GLY A 353 -3.77 -7.12 24.85
N GLY A 354 -3.88 -8.41 24.62
CA GLY A 354 -5.09 -9.04 24.10
C GLY A 354 -5.06 -9.14 22.58
N PHE A 355 -3.95 -8.79 21.91
CA PHE A 355 -3.81 -8.91 20.43
C PHE A 355 -3.35 -10.32 20.06
N LYS A 356 -4.25 -11.17 19.57
CA LYS A 356 -3.98 -12.63 19.35
C LYS A 356 -2.90 -12.73 18.26
N PRO A 357 -1.95 -13.68 18.45
CA PRO A 357 -0.85 -13.85 17.50
C PRO A 357 -1.38 -14.64 16.31
N ARG A 358 -0.89 -14.39 15.11
CA ARG A 358 -1.58 -14.91 13.90
C ARG A 358 -0.62 -15.04 12.73
N ALA A 359 -1.15 -15.38 11.58
CA ALA A 359 -0.36 -15.50 10.35
C ALA A 359 -0.80 -14.44 9.34
N LEU A 360 0.09 -13.98 8.49
CA LEU A 360 -0.36 -13.16 7.36
C LEU A 360 -0.21 -13.97 6.08
N TYR A 361 -1.09 -13.70 5.14
CA TYR A 361 -1.16 -14.44 3.87
C TYR A 361 -1.06 -13.44 2.74
N TRP A 362 -0.39 -13.94 1.69
CA TRP A 362 -0.29 -13.34 0.35
C TRP A 362 -0.65 -14.41 -0.68
N HIS A 363 -1.21 -13.98 -1.81
CA HIS A 363 -1.48 -14.84 -2.98
C HIS A 363 -1.49 -13.99 -4.25
N TYR A 364 -0.48 -14.15 -5.10
CA TYR A 364 -0.25 -13.32 -6.32
C TYR A 364 -0.12 -14.24 -7.52
N PRO A 365 -1.23 -14.79 -8.09
CA PRO A 365 -1.16 -15.74 -9.20
C PRO A 365 -0.99 -15.01 -10.55
N HIS A 366 0.03 -14.17 -10.65
CA HIS A 366 0.28 -13.32 -11.83
C HIS A 366 1.78 -13.16 -12.06
N TYR A 367 2.15 -12.76 -13.27
CA TYR A 367 3.48 -12.17 -13.57
C TYR A 367 3.36 -10.67 -13.40
N SER A 368 4.27 -10.05 -12.66
CA SER A 368 4.32 -8.58 -12.44
C SER A 368 5.20 -7.91 -13.49
N ASN A 369 5.10 -6.59 -13.60
CA ASN A 369 5.93 -5.84 -14.57
C ASN A 369 7.31 -5.62 -14.00
N GLN A 370 7.57 -6.01 -12.75
CA GLN A 370 8.78 -5.55 -12.04
C GLN A 370 9.71 -6.76 -11.78
N GLY A 371 9.48 -7.87 -12.48
CA GLY A 371 10.30 -9.08 -12.32
C GLY A 371 9.63 -10.13 -11.47
N GLY A 372 8.43 -9.83 -10.93
CA GLY A 372 7.74 -10.77 -10.03
C GLY A 372 7.14 -11.95 -10.76
N VAL A 373 6.93 -13.07 -10.05
CA VAL A 373 6.37 -14.31 -10.68
C VAL A 373 5.26 -14.86 -9.78
N PRO A 374 4.33 -15.70 -10.30
CA PRO A 374 3.22 -16.21 -9.52
C PRO A 374 3.73 -17.00 -8.32
N GLY A 375 3.19 -16.63 -7.17
CA GLY A 375 3.49 -17.25 -5.87
C GLY A 375 2.53 -16.80 -4.81
N GLY A 376 2.67 -17.37 -3.63
CA GLY A 376 1.97 -16.96 -2.40
C GLY A 376 2.95 -16.89 -1.27
N ALA A 377 2.49 -16.54 -0.08
CA ALA A 377 3.39 -16.49 1.08
C ALA A 377 2.60 -16.45 2.38
N ILE A 378 3.27 -16.90 3.42
CA ILE A 378 2.73 -16.87 4.80
C ILE A 378 3.85 -16.37 5.68
N ARG A 379 3.49 -15.55 6.66
CA ARG A 379 4.42 -15.07 7.69
C ARG A 379 3.81 -15.46 9.02
N GLU A 380 4.50 -16.28 9.79
CA GLU A 380 4.05 -16.64 11.15
C GLU A 380 5.17 -16.33 12.13
N GLY A 381 4.93 -15.44 13.10
CA GLY A 381 5.94 -14.93 14.03
C GLY A 381 7.10 -14.35 13.27
N ASN A 382 8.20 -15.09 13.17
CA ASN A 382 9.48 -14.58 12.62
C ASN A 382 9.83 -15.22 11.28
N LEU A 383 9.17 -16.32 10.96
CA LEU A 383 9.45 -17.11 9.74
C LEU A 383 8.54 -16.65 8.63
N LYS A 384 9.03 -16.74 7.42
CA LYS A 384 8.27 -16.40 6.22
C LYS A 384 8.59 -17.42 5.13
N LEU A 385 7.54 -18.03 4.60
CA LEU A 385 7.64 -18.99 3.48
C LEU A 385 7.04 -18.35 2.22
N ILE A 386 7.76 -18.45 1.12
CA ILE A 386 7.23 -18.07 -0.21
C ILE A 386 7.11 -19.35 -1.04
N GLU A 387 5.95 -19.55 -1.68
CA GLU A 387 5.70 -20.68 -2.59
C GLU A 387 5.69 -20.11 -3.99
N PHE A 388 6.46 -20.68 -4.90
CA PHE A 388 6.55 -20.24 -6.31
C PHE A 388 5.71 -21.18 -7.14
N TYR A 389 4.74 -20.66 -7.86
CA TYR A 389 3.65 -21.51 -8.40
C TYR A 389 4.12 -22.21 -9.66
N GLU A 390 5.16 -21.68 -10.32
CA GLU A 390 5.66 -22.27 -11.60
C GLU A 390 6.11 -23.73 -11.37
N ASP A 391 6.86 -24.00 -10.29
CA ASP A 391 7.52 -25.30 -10.03
C ASP A 391 7.23 -25.78 -8.61
N SER A 392 6.35 -25.15 -7.88
CA SER A 392 5.97 -25.56 -6.50
C SER A 392 7.12 -25.46 -5.48
N HIS A 393 8.29 -24.89 -5.81
CA HIS A 393 9.43 -24.83 -4.83
C HIS A 393 9.12 -23.78 -3.78
N VAL A 394 9.70 -23.93 -2.59
CA VAL A 394 9.45 -22.98 -1.46
C VAL A 394 10.78 -22.45 -0.93
N GLU A 395 10.74 -21.21 -0.49
CA GLU A 395 11.87 -20.56 0.22
C GLU A 395 11.32 -20.19 1.59
N LEU A 396 12.18 -20.27 2.59
CA LEU A 396 11.84 -19.98 3.99
C LEU A 396 12.96 -19.12 4.55
N TYR A 397 12.62 -17.96 5.12
CA TYR A 397 13.57 -17.02 5.76
C TYR A 397 13.18 -16.76 7.21
N ASP A 398 14.18 -16.41 8.04
CA ASP A 398 14.02 -15.89 9.42
C ASP A 398 14.30 -14.40 9.39
N LEU A 399 13.27 -13.60 9.60
CA LEU A 399 13.36 -12.15 9.33
C LEU A 399 13.97 -11.46 10.55
N SER A 400 14.11 -12.15 11.69
CA SER A 400 14.86 -11.59 12.86
C SER A 400 16.36 -11.69 12.59
N GLU A 401 16.77 -12.59 11.70
CA GLU A 401 18.20 -12.89 11.44
C GLU A 401 18.59 -12.57 10.00
N ASP A 402 17.64 -12.22 9.15
CA ASP A 402 17.84 -12.24 7.67
C ASP A 402 16.74 -11.38 7.03
N ILE A 403 16.50 -10.18 7.54
CA ILE A 403 15.42 -9.30 7.02
C ILE A 403 15.56 -9.20 5.48
N GLY A 404 16.77 -9.41 4.95
CA GLY A 404 17.06 -9.24 3.50
C GLY A 404 16.82 -10.50 2.69
N GLU A 405 16.36 -11.59 3.33
CA GLU A 405 15.98 -12.88 2.69
C GLU A 405 17.10 -13.36 1.78
N ARG A 406 18.30 -13.57 2.33
CA ARG A 406 19.42 -14.13 1.52
C ARG A 406 19.63 -15.60 1.89
N HIS A 407 19.51 -15.95 3.17
CA HIS A 407 19.79 -17.36 3.58
C HIS A 407 18.47 -18.14 3.68
N ASN A 408 18.18 -18.96 2.66
CA ASN A 408 16.99 -19.83 2.55
C ASN A 408 17.05 -21.07 3.45
N LEU A 409 16.20 -21.15 4.47
CA LEU A 409 16.28 -22.25 5.47
C LEU A 409 15.46 -23.47 5.05
N ALA A 410 14.92 -23.50 3.84
CA ALA A 410 13.89 -24.50 3.46
C ALA A 410 14.51 -25.90 3.53
N LYS A 411 15.80 -26.02 3.17
CA LYS A 411 16.49 -27.34 3.16
C LYS A 411 16.88 -27.64 4.58
N GLU A 412 17.33 -26.63 5.32
CA GLU A 412 17.74 -26.78 6.75
C GLU A 412 16.57 -27.16 7.65
N MET A 413 15.35 -26.63 7.50
CA MET A 413 14.23 -26.89 8.44
C MET A 413 13.06 -27.37 7.65
N PRO A 414 13.16 -28.58 7.10
CA PRO A 414 12.28 -29.01 6.03
C PRO A 414 10.85 -29.28 6.50
N ASP A 415 10.66 -29.38 7.83
CA ASP A 415 9.36 -29.68 8.46
C ASP A 415 8.65 -28.38 8.79
N LYS A 416 9.38 -27.34 9.19
CA LYS A 416 8.68 -26.04 9.36
C LYS A 416 8.25 -25.61 7.97
N ALA A 417 9.13 -25.82 6.99
CA ALA A 417 8.74 -25.52 5.60
C ALA A 417 7.43 -26.25 5.32
N ALA A 418 7.36 -27.55 5.59
CA ALA A 418 6.20 -28.36 5.21
C ALA A 418 4.97 -27.83 5.93
N GLU A 419 5.15 -27.50 7.22
CA GLU A 419 4.07 -27.01 8.12
C GLU A 419 3.51 -25.73 7.49
N LEU A 420 4.37 -24.78 7.16
CA LEU A 420 3.90 -23.44 6.72
C LEU A 420 3.26 -23.58 5.36
N GLN A 421 3.91 -24.22 4.38
CA GLN A 421 3.31 -24.51 3.05
C GLN A 421 1.89 -25.06 3.30
N ALA A 422 1.70 -26.01 4.20
CA ALA A 422 0.38 -26.65 4.40
C ALA A 422 -0.60 -25.63 4.98
N LYS A 423 -0.15 -24.82 5.96
CA LYS A 423 -1.00 -23.76 6.57
C LYS A 423 -1.46 -22.84 5.45
N LEU A 424 -0.55 -22.46 4.54
CA LEU A 424 -0.82 -21.54 3.40
C LEU A 424 -1.82 -22.22 2.46
N LYS A 425 -1.64 -23.50 2.16
CA LYS A 425 -2.54 -24.26 1.26
C LYS A 425 -3.94 -24.26 1.86
N ALA A 426 -4.03 -24.40 3.19
CA ALA A 426 -5.33 -24.47 3.90
C ALA A 426 -6.01 -23.11 3.79
N TRP A 427 -5.27 -22.04 3.96
CA TRP A 427 -5.82 -20.67 3.79
C TRP A 427 -6.26 -20.49 2.33
N ARG A 428 -5.42 -20.88 1.37
CA ARG A 428 -5.79 -20.73 -0.06
C ARG A 428 -7.20 -21.34 -0.26
N ALA A 429 -7.50 -22.43 0.43
CA ALA A 429 -8.76 -23.16 0.25
C ALA A 429 -9.87 -22.42 0.97
N SER A 430 -9.56 -21.92 2.15
CA SER A 430 -10.54 -21.23 3.03
C SER A 430 -11.16 -20.13 2.20
N VAL A 431 -10.43 -19.53 1.25
CA VAL A 431 -10.90 -18.33 0.48
C VAL A 431 -11.08 -18.66 -1.01
N ARG A 432 -10.97 -19.93 -1.37
CA ARG A 432 -11.02 -20.35 -2.80
C ARG A 432 -10.12 -19.46 -3.65
N ALA A 433 -8.87 -19.30 -3.28
CA ALA A 433 -7.87 -18.56 -4.08
C ALA A 433 -7.85 -19.20 -5.45
N THR A 434 -8.01 -18.38 -6.49
CA THR A 434 -7.93 -18.86 -7.90
C THR A 434 -6.46 -19.11 -8.19
N MET A 435 -6.15 -20.24 -8.81
CA MET A 435 -4.73 -20.61 -9.03
C MET A 435 -4.41 -20.40 -10.51
N PRO A 436 -3.13 -20.16 -10.85
CA PRO A 436 -2.73 -20.03 -12.24
C PRO A 436 -2.70 -21.45 -12.83
N THR A 437 -2.42 -21.57 -14.12
CA THR A 437 -2.60 -22.83 -14.88
C THR A 437 -1.36 -23.07 -15.71
N VAL A 438 -1.05 -24.33 -15.97
CA VAL A 438 0.08 -24.61 -16.90
C VAL A 438 -0.28 -24.17 -18.31
N ASN A 439 0.54 -23.28 -18.87
CA ASN A 439 0.36 -22.74 -20.24
C ASN A 439 0.65 -23.84 -21.25
N PRO A 440 -0.32 -24.21 -22.11
CA PRO A 440 -0.09 -25.22 -23.12
C PRO A 440 1.04 -24.80 -24.06
N ASN A 441 1.27 -23.50 -24.26
CA ASN A 441 2.29 -22.96 -25.21
C ASN A 441 3.59 -22.62 -24.51
N TYR A 442 3.80 -23.18 -23.31
CA TYR A 442 5.07 -23.04 -22.56
C TYR A 442 6.18 -23.54 -23.48
N ASP A 443 7.16 -22.68 -23.79
CA ASP A 443 8.37 -23.00 -24.58
C ASP A 443 9.56 -22.41 -23.82
N PRO A 444 10.36 -23.26 -23.13
CA PRO A 444 11.42 -22.80 -22.24
C PRO A 444 12.44 -21.92 -22.95
N ALA A 445 12.63 -22.12 -24.26
CA ALA A 445 13.57 -21.32 -25.08
C ALA A 445 13.17 -19.87 -24.97
N ARG A 446 11.89 -19.58 -25.24
CA ARG A 446 11.46 -18.17 -25.42
C ARG A 446 10.55 -17.76 -24.26
N ALA A 447 10.76 -18.36 -23.10
CA ALA A 447 9.99 -18.11 -21.88
C ALA A 447 10.58 -16.95 -21.07
N ASP A 448 11.81 -16.52 -21.36
CA ASP A 448 12.40 -15.39 -20.61
C ASP A 448 11.73 -14.12 -21.13
N GLN A 449 11.12 -13.36 -20.22
CA GLN A 449 10.37 -12.13 -20.56
C GLN A 449 11.36 -10.96 -20.56
N GLY A 450 12.54 -11.15 -19.98
CA GLY A 450 13.64 -10.18 -20.06
C GLY A 450 13.35 -8.93 -19.25
N LEU A 451 12.65 -9.09 -18.13
CA LEU A 451 12.45 -7.96 -17.19
C LEU A 451 13.68 -7.97 -16.29
N THR A 452 14.28 -6.79 -16.12
CA THR A 452 15.54 -6.62 -15.35
C THR A 452 15.28 -6.87 -13.87
N GLY A 453 14.04 -6.94 -13.41
CA GLY A 453 13.79 -7.22 -11.98
C GLY A 453 13.92 -8.69 -11.59
N ALA A 454 14.03 -9.60 -12.56
CA ALA A 454 14.04 -11.03 -12.21
C ALA A 454 15.18 -11.30 -11.23
N ASP A 455 14.92 -11.25 -9.93
CA ASP A 455 15.98 -11.41 -8.90
C ASP A 455 17.07 -12.37 -9.40
N PRO A 456 18.34 -11.93 -9.53
CA PRO A 456 19.26 -11.80 -8.39
C PRO A 456 18.97 -10.58 -7.50
N ALA A 457 18.55 -10.80 -6.26
CA ALA A 457 18.26 -9.69 -5.30
C ALA A 457 17.83 -8.45 -6.12
#